data_6ZMG
#
_entry.id   6ZMG
#
_cell.length_a   154.473
_cell.length_b   154.473
_cell.length_c   154.473
_cell.angle_alpha   90.000
_cell.angle_beta   90.000
_cell.angle_gamma   90.000
#
_symmetry.space_group_name_H-M   'F 41 3 2'
#
loop_
_entity.id
_entity.type
_entity.pdbx_description
1 polymer 'Chains: A'
2 non-polymer 'PHOSPHATE ION'
3 non-polymer S-ADENOSYL-L-HOMOCYSTEINE
4 water water
#
_entity_poly.entity_id   1
_entity_poly.type   'polypeptide(L)'
_entity_poly.pdbx_seq_one_letter_code
;SLMERLGGGGFSARIFVGLNVGDKPTYTIEDVVKDTIAIRKRQGILPDASFVAQRGVYTEQRSGQLVTENSVQIIIIDLE
GLSKEDFTGKVQALGKELREDFKQESVIVEIQERGIVQDVYSITAEWYEEGPMRPLRVDLQPSLIS
;
_entity_poly.pdbx_strand_id   A
#
# COMPACT_ATOMS: atom_id res chain seq x y z
N SER A 1 9.56 -20.81 24.63
CA SER A 1 9.61 -19.65 23.70
C SER A 1 9.51 -18.36 24.50
N LEU A 2 9.98 -17.27 23.91
CA LEU A 2 9.99 -15.98 24.54
C LEU A 2 8.87 -15.12 23.97
N MET A 3 8.06 -14.58 24.84
N MET A 3 8.17 -14.42 24.87
CA MET A 3 7.02 -13.65 24.43
CA MET A 3 7.00 -13.60 24.53
C MET A 3 7.66 -12.28 24.48
C MET A 3 7.45 -12.14 24.43
N GLU A 4 8.07 -11.80 23.31
CA GLU A 4 8.74 -10.51 23.15
C GLU A 4 7.71 -9.43 22.82
N ARG A 5 7.52 -8.47 23.73
CA ARG A 5 6.57 -7.40 23.49
C ARG A 5 7.20 -6.38 22.54
N LEU A 6 6.46 -6.01 21.51
CA LEU A 6 7.02 -5.14 20.49
C LEU A 6 7.12 -3.72 21.02
N GLY A 7 8.29 -3.11 20.81
CA GLY A 7 8.50 -1.73 21.18
C GLY A 7 8.26 -0.74 20.09
N GLY A 8 8.31 0.53 20.49
CA GLY A 8 7.99 1.63 19.61
C GLY A 8 6.63 2.21 19.89
N GLY A 9 6.23 3.11 19.00
CA GLY A 9 4.95 3.76 19.09
C GLY A 9 3.81 2.96 18.50
N GLY A 10 4.08 1.74 18.08
CA GLY A 10 3.03 0.89 17.56
C GLY A 10 2.50 1.31 16.22
N PHE A 11 3.39 1.64 15.28
CA PHE A 11 2.92 2.02 13.95
C PHE A 11 2.70 0.80 13.07
N SER A 12 1.69 0.93 12.22
CA SER A 12 1.40 -0.05 11.19
C SER A 12 0.75 0.67 10.01
N ALA A 13 0.67 -0.04 8.90
CA ALA A 13 0.07 0.53 7.71
C ALA A 13 -0.61 -0.56 6.92
N ARG A 14 -1.56 -0.12 6.09
CA ARG A 14 -2.22 -0.92 5.08
C ARG A 14 -2.14 -0.16 3.77
N ILE A 15 -1.79 -0.87 2.71
CA ILE A 15 -1.74 -0.29 1.37
C ILE A 15 -2.58 -1.17 0.46
N PHE A 16 -3.47 -0.56 -0.31
CA PHE A 16 -4.28 -1.28 -1.28
C PHE A 16 -3.80 -0.95 -2.68
N VAL A 17 -3.42 -1.98 -3.43
CA VAL A 17 -2.88 -1.85 -4.78
CA VAL A 17 -2.91 -1.82 -4.78
C VAL A 17 -3.68 -2.74 -5.71
N GLY A 18 -4.31 -2.15 -6.72
CA GLY A 18 -5.04 -2.92 -7.70
C GLY A 18 -4.13 -3.51 -8.77
N LEU A 19 -4.66 -4.54 -9.44
CA LEU A 19 -3.91 -5.28 -10.44
C LEU A 19 -4.47 -5.14 -11.85
N ASN A 20 -5.57 -4.42 -12.00
CA ASN A 20 -6.03 -3.97 -13.31
C ASN A 20 -5.29 -2.70 -13.69
N VAL A 21 -4.98 -2.55 -14.96
CA VAL A 21 -4.64 -1.27 -15.56
C VAL A 21 -5.86 -0.87 -16.37
N GLY A 22 -6.55 0.17 -15.90
CA GLY A 22 -7.86 0.45 -16.46
C GLY A 22 -8.80 -0.72 -16.25
N ASP A 23 -9.47 -1.17 -17.30
CA ASP A 23 -10.33 -2.33 -17.15
C ASP A 23 -9.64 -3.65 -17.56
N LYS A 24 -8.30 -3.65 -17.70
CA LYS A 24 -7.56 -4.84 -18.15
C LYS A 24 -6.81 -5.51 -17.00
N PRO A 25 -7.15 -6.74 -16.65
CA PRO A 25 -6.33 -7.46 -15.67
C PRO A 25 -4.91 -7.60 -16.19
N THR A 26 -3.95 -7.19 -15.35
CA THR A 26 -2.57 -7.07 -15.82
C THR A 26 -1.55 -7.72 -14.91
N TYR A 27 -1.64 -7.49 -13.61
CA TYR A 27 -0.60 -7.90 -12.68
C TYR A 27 -1.09 -8.97 -11.70
N THR A 28 -0.14 -9.49 -10.93
CA THR A 28 -0.40 -10.53 -9.95
C THR A 28 0.10 -10.12 -8.58
N ILE A 29 -0.40 -10.79 -7.54
CA ILE A 29 0.07 -10.50 -6.19
C ILE A 29 1.58 -10.69 -6.08
N GLU A 30 2.13 -11.73 -6.72
CA GLU A 30 3.57 -11.92 -6.59
C GLU A 30 4.36 -10.77 -7.18
N ASP A 31 3.84 -10.13 -8.24
CA ASP A 31 4.50 -8.93 -8.76
C ASP A 31 4.59 -7.86 -7.68
N VAL A 32 3.49 -7.67 -6.94
CA VAL A 32 3.47 -6.67 -5.87
C VAL A 32 4.42 -7.05 -4.74
N VAL A 33 4.46 -8.33 -4.36
CA VAL A 33 5.40 -8.79 -3.34
C VAL A 33 6.84 -8.43 -3.75
N LYS A 34 7.22 -8.82 -4.97
CA LYS A 34 8.59 -8.61 -5.40
C LYS A 34 8.92 -7.13 -5.52
N ASP A 35 8.00 -6.33 -6.04
CA ASP A 35 8.29 -4.91 -6.17
C ASP A 35 8.40 -4.25 -4.81
N THR A 36 7.53 -4.65 -3.87
CA THR A 36 7.58 -4.09 -2.53
C THR A 36 8.90 -4.42 -1.86
N ILE A 37 9.37 -5.66 -1.99
CA ILE A 37 10.66 -6.03 -1.42
C ILE A 37 11.73 -5.13 -1.98
N ALA A 38 11.73 -4.93 -3.30
CA ALA A 38 12.77 -4.16 -3.95
C ALA A 38 12.77 -2.71 -3.48
N ILE A 39 11.58 -2.11 -3.38
CA ILE A 39 11.46 -0.73 -2.94
C ILE A 39 11.96 -0.58 -1.51
N ARG A 40 11.50 -1.46 -0.63
CA ARG A 40 11.81 -1.33 0.79
C ARG A 40 13.28 -1.60 1.03
N LYS A 41 13.89 -2.52 0.29
CA LYS A 41 15.33 -2.69 0.40
C LYS A 41 16.07 -1.39 0.05
N ARG A 42 15.62 -0.67 -0.98
CA ARG A 42 16.30 0.58 -1.35
C ARG A 42 16.07 1.67 -0.32
N GLN A 43 15.02 1.56 0.48
CA GLN A 43 14.81 2.45 1.61
C GLN A 43 15.69 2.12 2.79
N GLY A 44 16.33 0.95 2.79
CA GLY A 44 17.13 0.52 3.92
C GLY A 44 16.33 0.03 5.10
N ILE A 45 15.00 -0.22 4.90
CA ILE A 45 14.04 -0.62 5.94
C ILE A 45 13.86 -2.14 5.88
N LEU A 46 13.54 -2.74 7.00
CA LEU A 46 13.17 -4.15 7.01
C LEU A 46 11.96 -4.35 6.11
N PRO A 47 12.02 -5.24 5.11
CA PRO A 47 10.88 -5.34 4.18
C PRO A 47 9.70 -6.11 4.70
N ASP A 48 9.87 -6.82 5.81
CA ASP A 48 8.88 -7.77 6.30
C ASP A 48 7.47 -7.20 6.26
N ALA A 49 6.54 -8.01 5.76
CA ALA A 49 5.18 -7.57 5.51
C ALA A 49 4.32 -8.77 5.17
N SER A 50 3.03 -8.54 5.13
CA SER A 50 2.05 -9.52 4.69
C SER A 50 1.29 -8.95 3.48
N PHE A 51 0.92 -9.85 2.58
CA PHE A 51 0.25 -9.49 1.33
C PHE A 51 -0.98 -10.37 1.17
N VAL A 52 -2.15 -9.76 1.09
CA VAL A 52 -3.43 -10.46 1.03
C VAL A 52 -4.05 -10.23 -0.33
N ALA A 53 -4.37 -11.33 -1.01
CA ALA A 53 -5.09 -11.26 -2.27
C ALA A 53 -6.56 -10.93 -2.01
N GLN A 54 -7.12 -10.11 -2.88
CA GLN A 54 -8.48 -9.67 -2.72
C GLN A 54 -9.13 -9.55 -4.10
N ARG A 55 -10.44 -9.47 -4.07
CA ARG A 55 -11.21 -8.86 -5.15
C ARG A 55 -11.57 -7.45 -4.71
N GLY A 56 -11.39 -6.50 -5.62
CA GLY A 56 -11.64 -5.11 -5.33
C GLY A 56 -12.67 -4.56 -6.31
N VAL A 57 -13.50 -3.65 -5.80
CA VAL A 57 -14.44 -2.89 -6.62
C VAL A 57 -14.06 -1.43 -6.48
N TYR A 58 -13.96 -0.74 -7.60
N TYR A 58 -13.95 -0.73 -7.62
CA TYR A 58 -13.63 0.67 -7.55
CA TYR A 58 -13.45 0.65 -7.69
C TYR A 58 -14.34 1.39 -8.66
C TYR A 58 -14.17 1.44 -8.76
N THR A 59 -14.55 2.68 -8.43
CA THR A 59 -15.13 3.57 -9.41
C THR A 59 -14.02 4.43 -9.99
N GLU A 60 -13.83 4.34 -11.30
CA GLU A 60 -12.80 5.14 -11.95
C GLU A 60 -13.15 6.62 -11.84
N GLN A 61 -12.19 7.38 -11.33
N GLN A 61 -12.14 7.42 -11.53
CA GLN A 61 -12.27 8.81 -11.48
CA GLN A 61 -12.41 8.81 -11.16
C GLN A 61 -12.14 9.14 -12.96
C GLN A 61 -12.83 9.66 -12.36
N ARG A 62 -12.68 10.30 -13.33
N ARG A 62 -12.28 9.40 -13.53
CA ARG A 62 -12.81 10.66 -14.75
CA ARG A 62 -12.47 10.29 -14.67
C ARG A 62 -14.05 9.98 -15.32
C ARG A 62 -13.72 9.96 -15.47
N SER A 63 -14.01 8.67 -15.61
CA SER A 63 -15.10 8.11 -16.40
C SER A 63 -16.30 7.69 -15.57
N GLY A 64 -16.12 7.41 -14.28
CA GLY A 64 -17.18 6.88 -13.47
C GLY A 64 -17.48 5.41 -13.68
N GLN A 65 -16.73 4.72 -14.53
CA GLN A 65 -16.94 3.30 -14.72
C GLN A 65 -16.59 2.51 -13.47
N LEU A 66 -17.42 1.51 -13.16
CA LEU A 66 -17.21 0.63 -12.02
C LEU A 66 -16.47 -0.60 -12.50
N VAL A 67 -15.35 -0.88 -11.87
CA VAL A 67 -14.49 -1.98 -12.27
C VAL A 67 -14.32 -2.93 -11.08
N THR A 68 -14.24 -4.21 -11.40
CA THR A 68 -13.90 -5.26 -10.43
C THR A 68 -12.56 -5.82 -10.87
N GLU A 69 -11.62 -5.93 -9.94
CA GLU A 69 -10.27 -6.37 -10.25
C GLU A 69 -9.79 -7.30 -9.14
N ASN A 70 -8.69 -7.98 -9.42
CA ASN A 70 -7.89 -8.51 -8.33
C ASN A 70 -7.09 -7.36 -7.72
N SER A 71 -6.86 -7.42 -6.42
CA SER A 71 -6.04 -6.41 -5.75
C SER A 71 -5.27 -7.06 -4.61
N VAL A 72 -4.42 -6.24 -3.99
CA VAL A 72 -3.53 -6.70 -2.93
C VAL A 72 -3.63 -5.73 -1.77
N GLN A 73 -3.83 -6.28 -0.59
CA GLN A 73 -3.75 -5.50 0.65
C GLN A 73 -2.40 -5.82 1.28
N ILE A 74 -1.53 -4.80 1.36
CA ILE A 74 -0.23 -4.94 2.01
C ILE A 74 -0.39 -4.50 3.46
N ILE A 75 0.02 -5.36 4.39
CA ILE A 75 -0.07 -5.07 5.82
C ILE A 75 1.36 -5.00 6.33
N ILE A 76 1.71 -3.86 6.94
CA ILE A 76 3.05 -3.62 7.44
C ILE A 76 2.95 -3.27 8.92
N ILE A 77 3.53 -4.11 9.78
CA ILE A 77 3.69 -3.79 11.19
C ILE A 77 5.13 -3.34 11.39
N ASP A 78 5.33 -2.16 11.97
CA ASP A 78 6.68 -1.68 12.19
C ASP A 78 7.32 -2.47 13.31
N LEU A 79 8.36 -3.25 13.02
CA LEU A 79 9.11 -3.97 14.03
C LEU A 79 10.42 -3.30 14.41
N GLU A 80 10.72 -2.13 13.84
CA GLU A 80 12.00 -1.49 14.06
C GLU A 80 11.92 -0.28 14.99
N GLY A 81 10.72 0.05 15.48
CA GLY A 81 10.57 1.17 16.39
C GLY A 81 10.91 2.50 15.75
N LEU A 82 10.41 2.73 14.55
CA LEU A 82 10.67 3.97 13.85
C LEU A 82 9.85 5.10 14.45
N SER A 83 10.32 6.32 14.23
CA SER A 83 9.51 7.48 14.58
C SER A 83 8.29 7.55 13.66
N LYS A 84 7.27 8.27 14.14
CA LYS A 84 6.07 8.49 13.33
C LYS A 84 6.44 9.07 11.97
N GLU A 85 7.31 10.10 11.95
CA GLU A 85 7.63 10.75 10.69
C GLU A 85 8.40 9.83 9.75
N ASP A 86 9.34 9.06 10.30
CA ASP A 86 10.13 8.15 9.48
C ASP A 86 9.23 7.07 8.89
N PHE A 87 8.45 6.40 9.73
CA PHE A 87 7.57 5.35 9.24
C PHE A 87 6.58 5.89 8.22
N THR A 88 5.93 7.03 8.55
CA THR A 88 4.92 7.58 7.66
C THR A 88 5.54 7.94 6.32
N GLY A 89 6.71 8.56 6.34
CA GLY A 89 7.34 8.95 5.10
C GLY A 89 7.73 7.76 4.25
N LYS A 90 8.25 6.70 4.89
CA LYS A 90 8.67 5.52 4.12
C LYS A 90 7.46 4.79 3.55
N VAL A 91 6.35 4.73 4.29
CA VAL A 91 5.14 4.11 3.75
C VAL A 91 4.55 4.94 2.61
N GLN A 92 4.53 6.26 2.77
CA GLN A 92 4.05 7.11 1.69
C GLN A 92 4.90 6.95 0.44
N ALA A 93 6.22 6.91 0.59
CA ALA A 93 7.08 6.75 -0.58
C ALA A 93 6.87 5.39 -1.24
N LEU A 94 6.68 4.35 -0.45
CA LEU A 94 6.37 3.04 -1.01
C LEU A 94 5.07 3.08 -1.81
N GLY A 95 4.03 3.67 -1.22
CA GLY A 95 2.76 3.77 -1.92
C GLY A 95 2.88 4.54 -3.21
N LYS A 96 3.63 5.65 -3.19
CA LYS A 96 3.79 6.46 -4.39
C LYS A 96 4.50 5.67 -5.48
N GLU A 97 5.52 4.89 -5.10
CA GLU A 97 6.25 4.14 -6.11
C GLU A 97 5.40 2.98 -6.64
N LEU A 98 4.67 2.31 -5.75
CA LEU A 98 3.77 1.25 -6.21
C LEU A 98 2.77 1.78 -7.22
N ARG A 99 2.24 2.98 -6.98
CA ARG A 99 1.28 3.54 -7.93
C ARG A 99 1.89 3.68 -9.31
N GLU A 100 3.12 4.21 -9.38
CA GLU A 100 3.81 4.34 -10.65
C GLU A 100 4.10 2.98 -11.27
N ASP A 101 4.67 2.07 -10.47
CA ASP A 101 5.19 0.83 -11.02
C ASP A 101 4.08 -0.03 -11.61
N PHE A 102 2.87 0.11 -11.07
CA PHE A 102 1.72 -0.68 -11.52
C PHE A 102 0.74 0.13 -12.34
N LYS A 103 1.13 1.35 -12.74
CA LYS A 103 0.35 2.14 -13.68
C LYS A 103 -1.06 2.39 -13.16
N GLN A 104 -1.15 2.66 -11.86
CA GLN A 104 -2.43 2.79 -11.19
C GLN A 104 -2.89 4.23 -11.12
N GLU A 105 -4.20 4.42 -11.17
CA GLU A 105 -4.75 5.75 -10.97
C GLU A 105 -4.74 6.15 -9.50
N SER A 106 -5.03 5.20 -8.62
N SER A 106 -4.93 5.18 -8.60
CA SER A 106 -5.06 5.46 -7.19
CA SER A 106 -5.13 5.45 -7.19
C SER A 106 -4.44 4.28 -6.47
C SER A 106 -4.58 4.29 -6.38
N VAL A 107 -3.75 4.59 -5.37
CA VAL A 107 -3.33 3.63 -4.35
C VAL A 107 -3.80 4.19 -3.01
N ILE A 108 -4.39 3.34 -2.17
CA ILE A 108 -4.89 3.78 -0.88
C ILE A 108 -3.92 3.37 0.21
N VAL A 109 -3.58 4.31 1.09
CA VAL A 109 -2.66 4.08 2.19
C VAL A 109 -3.33 4.48 3.49
N GLU A 110 -3.26 3.61 4.49
N GLU A 110 -3.29 3.59 4.46
CA GLU A 110 -3.79 3.88 5.83
CA GLU A 110 -3.73 3.85 5.82
C GLU A 110 -2.67 3.67 6.84
C GLU A 110 -2.53 3.74 6.75
N ILE A 111 -2.42 4.70 7.66
CA ILE A 111 -1.41 4.67 8.70
C ILE A 111 -2.13 4.57 10.03
N GLN A 112 -1.69 3.64 10.88
CA GLN A 112 -2.26 3.45 12.20
C GLN A 112 -1.18 3.57 13.27
N GLU A 113 -1.61 4.02 14.45
CA GLU A 113 -0.78 4.07 15.64
C GLU A 113 -1.58 3.37 16.74
N ARG A 114 -1.08 2.23 17.20
CA ARG A 114 -1.82 1.35 18.11
C ARG A 114 -3.21 1.04 17.59
N GLY A 115 -3.31 0.88 16.27
CA GLY A 115 -4.56 0.55 15.64
C GLY A 115 -5.46 1.73 15.35
N ILE A 116 -5.16 2.90 15.88
CA ILE A 116 -5.96 4.09 15.63
C ILE A 116 -5.47 4.74 14.35
N VAL A 117 -6.41 5.01 13.43
CA VAL A 117 -6.03 5.53 12.12
C VAL A 117 -5.58 6.97 12.27
N GLN A 118 -4.34 7.24 11.84
CA GLN A 118 -3.78 8.57 11.85
C GLN A 118 -4.10 9.31 10.57
N ASP A 119 -4.10 8.60 9.45
CA ASP A 119 -4.30 9.21 8.15
C ASP A 119 -4.76 8.09 7.21
N VAL A 120 -5.71 8.41 6.33
CA VAL A 120 -5.98 7.62 5.14
C VAL A 120 -5.72 8.56 3.96
N TYR A 121 -4.91 8.09 3.01
CA TYR A 121 -4.52 8.86 1.85
C TYR A 121 -4.93 8.09 0.60
N SER A 122 -5.39 8.82 -0.42
CA SER A 122 -5.46 8.27 -1.76
C SER A 122 -4.34 8.91 -2.55
N ILE A 123 -3.42 8.10 -3.02
CA ILE A 123 -2.31 8.60 -3.82
C ILE A 123 -2.79 8.53 -5.27
N THR A 124 -2.98 9.68 -5.89
CA THR A 124 -3.73 9.79 -7.13
C THR A 124 -2.86 10.29 -8.26
N ALA A 125 -2.93 9.60 -9.39
CA ALA A 125 -2.17 10.00 -10.56
C ALA A 125 -2.65 11.36 -11.05
N GLU A 126 -1.70 12.16 -11.53
CA GLU A 126 -1.96 13.48 -12.08
C GLU A 126 -1.94 13.48 -13.60
N TRP A 127 -2.33 12.36 -14.20
CA TRP A 127 -2.42 12.26 -15.65
C TRP A 127 -3.16 13.45 -16.23
N TYR A 128 -2.56 14.07 -17.25
CA TYR A 128 -3.09 15.30 -17.81
C TYR A 128 -4.46 15.06 -18.43
N GLU A 129 -5.39 15.99 -18.16
CA GLU A 129 -6.71 15.89 -18.76
C GLU A 129 -7.03 17.11 -19.61
#